data_3PT1
#
_entry.id   3PT1
#
_cell.length_a   53.320
_cell.length_b   108.650
_cell.length_c   88.080
_cell.angle_alpha   90.00
_cell.angle_beta   96.84
_cell.angle_gamma   90.00
#
_symmetry.space_group_name_H-M   'C 1 2 1'
#
loop_
_entity.id
_entity.type
_entity.pdbx_description
1 polymer 'UPF0364 protein YMR027W'
2 non-polymer GLYCEROL
3 non-polymer 6-O-phosphono-beta-D-fructofuranose
4 non-polymer 'MAGNESIUM ION'
5 water water
#
_entity_poly.entity_id   1
_entity_poly.type   'polypeptide(L)'
_entity_poly.pdbx_seq_one_letter_code
;H(MSE)TIPGRF(MSE)TIDKGTFGEYTASTRWPIIIQNAIDDLSKHQETEKSNGTKFEQGEVIKKELKEFRQEIIDRVP
LRPFTEEEIKIANVPLSFNEYLKKHPEVNWGAVEWLFSEVYLYRRVNVLFQRQCEWAKFDIFNRLKQSTFESSFYGVVEL
ALRYENLLPQLRE(MSE)KQNPGNEIDDILKVLFKEFIEISLWGNATDLSLLTNATLEDIKSIQGAKARAASESKIVVND
TEKAWEVLTKARADANSREIRVDFVLDNSGFELYADL(MSE)LAAFLLQSGLATKCIFHAKDIPY(MSE)VSDV(MSE)L
KDFDILVHDLRDREFFPSGEPSTKESRALDLFAGE(MSE)EKFVSSGKIEFREDSFWTTELDYWNLDANETKYHGSILHK
DLQKSNLVIFKGDLNYRKLTGDRKWPRTTKWETAIGPLATNGITSLSLRTCKADVQVALPEGLDAKLSQEWEKENPGRGS
WWCCSGKWAVICFCSGIHK
;
_entity_poly.pdbx_strand_id   A
#
# COMPACT_ATOMS: atom_id res chain seq x y z
N HIS A 1 -25.02 12.89 -2.26
CA HIS A 1 -26.25 12.39 -1.64
C HIS A 1 -26.49 13.04 -0.28
N THR A 3 -27.23 12.28 2.67
CA THR A 3 -26.64 11.76 3.90
C THR A 3 -25.25 11.14 3.72
N ILE A 4 -24.58 11.45 2.61
CA ILE A 4 -23.17 11.06 2.43
C ILE A 4 -22.32 12.24 2.86
N PRO A 5 -21.48 12.04 3.89
CA PRO A 5 -20.61 13.10 4.40
C PRO A 5 -19.62 13.59 3.33
N GLY A 6 -19.24 14.86 3.42
CA GLY A 6 -18.22 15.39 2.54
C GLY A 6 -16.86 14.78 2.83
N ARG A 7 -15.93 14.94 1.89
CA ARG A 7 -14.57 14.46 2.08
C ARG A 7 -13.76 15.38 2.96
N PHE A 8 -12.74 14.83 3.64
CA PHE A 8 -11.79 15.64 4.39
C PHE A 8 -11.09 16.64 3.49
N THR A 10 -8.24 20.10 2.94
CA THR A 10 -6.99 20.65 3.40
C THR A 10 -7.21 21.79 4.40
N ILE A 11 -8.43 22.28 4.48
CA ILE A 11 -8.79 23.32 5.45
C ILE A 11 -9.66 22.86 6.61
N ASP A 12 -9.80 21.56 6.82
CA ASP A 12 -10.57 21.10 7.96
C ASP A 12 -9.74 21.29 9.21
N LYS A 13 -10.10 22.29 10.00
CA LYS A 13 -9.27 22.74 11.12
C LYS A 13 -8.99 21.64 12.12
N GLY A 14 -7.70 21.44 12.42
CA GLY A 14 -7.30 20.50 13.46
C GLY A 14 -7.13 19.06 13.00
N THR A 15 -7.36 18.80 11.72
CA THR A 15 -7.20 17.44 11.19
C THR A 15 -5.77 17.14 10.77
N PHE A 16 -5.46 15.84 10.67
CA PHE A 16 -4.15 15.41 10.19
C PHE A 16 -4.01 15.75 8.72
N GLY A 17 -5.13 15.75 7.99
CA GLY A 17 -5.08 16.16 6.60
C GLY A 17 -4.63 17.60 6.42
N GLU A 18 -5.12 18.47 7.30
CA GLU A 18 -4.73 19.88 7.25
C GLU A 18 -3.23 20.00 7.52
N TYR A 19 -2.77 19.27 8.52
CA TYR A 19 -1.36 19.23 8.87
C TYR A 19 -0.51 18.68 7.73
N THR A 20 -1.01 17.62 7.08
CA THR A 20 -0.31 17.00 5.95
C THR A 20 -0.11 18.00 4.82
N ALA A 21 -1.18 18.72 4.49
CA ALA A 21 -1.12 19.62 3.35
C ALA A 21 -0.21 20.80 3.63
N SER A 22 -0.25 21.31 4.86
CA SER A 22 0.47 22.54 5.16
C SER A 22 1.93 22.27 5.53
N THR A 23 2.19 21.11 6.12
CA THR A 23 3.52 20.86 6.68
C THR A 23 4.26 19.71 5.99
N ARG A 24 3.57 18.60 5.79
CA ARG A 24 4.22 17.40 5.23
C ARG A 24 4.52 17.49 3.73
N TRP A 25 3.58 18.00 2.94
CA TRP A 25 3.82 18.07 1.51
C TRP A 25 5.06 18.91 1.15
N PRO A 26 5.22 20.09 1.77
CA PRO A 26 6.43 20.86 1.43
C PRO A 26 7.72 20.09 1.78
N ILE A 27 7.67 19.27 2.83
CA ILE A 27 8.83 18.47 3.20
C ILE A 27 9.11 17.37 2.17
N ILE A 28 8.05 16.69 1.72
CA ILE A 28 8.22 15.64 0.71
C ILE A 28 8.83 16.20 -0.57
N ILE A 29 8.38 17.37 -1.00
CA ILE A 29 8.90 17.96 -2.22
C ILE A 29 10.34 18.39 -2.04
N GLN A 30 10.66 18.96 -0.87
CA GLN A 30 12.05 19.35 -0.62
C GLN A 30 12.92 18.11 -0.59
N ASN A 31 12.40 17.03 -0.02
CA ASN A 31 13.16 15.75 -0.01
C ASN A 31 13.44 15.26 -1.42
N ALA A 32 12.48 15.43 -2.33
CA ALA A 32 12.67 15.05 -3.73
C ALA A 32 13.76 15.90 -4.38
N ILE A 33 13.74 17.19 -4.09
CA ILE A 33 14.78 18.07 -4.61
C ILE A 33 16.12 17.57 -4.12
N ASP A 34 16.22 17.28 -2.82
CA ASP A 34 17.49 16.83 -2.25
C ASP A 34 17.95 15.48 -2.81
N ASP A 35 17.01 14.59 -3.07
CA ASP A 35 17.38 13.29 -3.62
C ASP A 35 17.79 13.40 -5.09
N LEU A 36 17.23 14.38 -5.78
CA LEU A 36 17.65 14.63 -7.15
C LEU A 36 19.09 15.15 -7.13
N SER A 37 19.36 16.10 -6.23
CA SER A 37 20.73 16.61 -6.05
C SER A 37 21.70 15.47 -5.77
N LYS A 38 21.29 14.59 -4.87
CA LYS A 38 22.12 13.43 -4.53
C LYS A 38 22.44 12.60 -5.76
N HIS A 39 21.42 12.31 -6.58
CA HIS A 39 21.65 11.52 -7.78
C HIS A 39 22.57 12.26 -8.74
N GLN A 40 22.39 13.58 -8.85
CA GLN A 40 23.22 14.40 -9.72
C GLN A 40 24.70 14.19 -9.41
N GLU A 41 25.01 13.93 -8.15
CA GLU A 41 26.40 13.82 -7.72
C GLU A 41 27.11 12.63 -8.39
N THR A 42 26.32 11.67 -8.86
CA THR A 42 26.86 10.42 -9.39
C THR A 42 26.96 10.41 -10.91
N GLU A 43 26.79 11.57 -11.53
CA GLU A 43 26.83 11.67 -12.99
C GLU A 43 27.57 12.93 -13.41
N LYS A 44 27.92 13.03 -14.69
CA LYS A 44 28.66 14.18 -15.20
C LYS A 44 27.84 15.47 -15.05
N SER A 45 28.55 16.59 -14.85
CA SER A 45 27.93 17.87 -14.52
C SER A 45 27.59 18.73 -15.74
N ASN A 46 27.42 18.09 -16.88
CA ASN A 46 26.97 18.79 -18.08
C ASN A 46 26.31 17.82 -19.04
N GLY A 47 25.68 18.35 -20.08
CA GLY A 47 25.02 17.51 -21.05
C GLY A 47 23.52 17.53 -20.82
N THR A 48 22.80 16.93 -21.76
CA THR A 48 21.34 17.02 -21.74
C THR A 48 20.77 16.49 -20.43
N LYS A 49 21.31 15.39 -19.93
CA LYS A 49 20.75 14.79 -18.70
C LYS A 49 20.95 15.66 -17.47
N PHE A 50 22.17 16.17 -17.29
CA PHE A 50 22.43 17.02 -16.13
C PHE A 50 21.58 18.28 -16.19
N GLU A 51 21.48 18.87 -17.37
CA GLU A 51 20.75 20.12 -17.52
C GLU A 51 19.27 19.90 -17.26
N GLN A 52 18.74 18.81 -17.81
CA GLN A 52 17.33 18.47 -17.61
C GLN A 52 17.04 18.29 -16.12
N GLY A 53 18.01 17.75 -15.39
CA GLY A 53 17.87 17.54 -13.95
C GLY A 53 17.83 18.83 -13.17
N GLU A 54 18.65 19.79 -13.57
CA GLU A 54 18.66 21.08 -12.91
C GLU A 54 17.32 21.76 -13.10
N VAL A 55 16.75 21.61 -14.29
CA VAL A 55 15.46 22.21 -14.60
C VAL A 55 14.33 21.57 -13.79
N ILE A 56 14.34 20.24 -13.68
CA ILE A 56 13.37 19.58 -12.80
C ILE A 56 13.50 20.10 -11.38
N LYS A 57 14.73 20.23 -10.89
CA LYS A 57 14.93 20.72 -9.53
C LYS A 57 14.33 22.11 -9.35
N LYS A 58 14.52 22.98 -10.33
CA LYS A 58 13.99 24.33 -10.22
C LYS A 58 12.47 24.31 -10.20
N GLU A 59 11.86 23.44 -11.02
CA GLU A 59 10.42 23.37 -11.11
C GLU A 59 9.84 22.77 -9.82
N LEU A 60 10.57 21.83 -9.22
CA LEU A 60 10.12 21.26 -7.96
C LEU A 60 10.14 22.34 -6.88
N LYS A 61 11.17 23.17 -6.88
CA LYS A 61 11.24 24.29 -5.95
C LYS A 61 10.04 25.21 -6.08
N GLU A 62 9.70 25.57 -7.32
CA GLU A 62 8.57 26.45 -7.57
C GLU A 62 7.25 25.77 -7.19
N PHE A 63 7.16 24.46 -7.43
CA PHE A 63 5.95 23.70 -7.11
C PHE A 63 5.73 23.68 -5.61
N ARG A 64 6.79 23.42 -4.84
CA ARG A 64 6.71 23.47 -3.40
C ARG A 64 6.20 24.84 -2.94
N GLN A 65 6.71 25.91 -3.56
CA GLN A 65 6.28 27.23 -3.15
C GLN A 65 4.81 27.48 -3.51
N GLU A 66 4.36 26.88 -4.62
CA GLU A 66 2.94 26.98 -4.99
C GLU A 66 2.05 26.40 -3.91
N ILE A 67 2.47 25.28 -3.33
CA ILE A 67 1.69 24.65 -2.28
C ILE A 67 1.66 25.53 -1.03
N ILE A 68 2.83 26.06 -0.66
CA ILE A 68 2.92 26.97 0.47
C ILE A 68 2.04 28.21 0.24
N ASP A 69 2.10 28.75 -0.96
CA ASP A 69 1.34 29.96 -1.30
C ASP A 69 -0.16 29.68 -1.47
N ARG A 70 -0.51 28.40 -1.48
CA ARG A 70 -1.91 28.00 -1.58
C ARG A 70 -2.57 28.54 -2.85
N VAL A 71 -1.89 28.40 -3.98
CA VAL A 71 -2.40 28.86 -5.24
C VAL A 71 -3.46 27.91 -5.78
N PRO A 72 -4.28 28.40 -6.74
CA PRO A 72 -5.27 27.53 -7.37
C PRO A 72 -4.57 26.38 -8.11
N LEU A 73 -5.14 25.20 -8.05
CA LEU A 73 -4.60 24.05 -8.76
C LEU A 73 -4.93 24.17 -10.24
N ARG A 74 -3.91 24.17 -11.09
CA ARG A 74 -4.14 24.35 -12.52
C ARG A 74 -4.44 23.04 -13.22
N PRO A 75 -5.19 23.12 -14.33
CA PRO A 75 -5.40 21.95 -15.19
C PRO A 75 -4.08 21.57 -15.86
N PHE A 76 -3.98 20.33 -16.31
CA PHE A 76 -2.87 19.90 -17.14
C PHE A 76 -3.10 20.41 -18.56
N THR A 77 -2.04 20.90 -19.20
CA THR A 77 -2.18 21.37 -20.57
C THR A 77 -2.30 20.18 -21.52
N GLU A 78 -2.75 20.45 -22.74
CA GLU A 78 -2.83 19.41 -23.74
C GLU A 78 -1.48 18.75 -23.99
N GLU A 79 -0.42 19.57 -24.05
CA GLU A 79 0.93 19.03 -24.23
C GLU A 79 1.26 18.05 -23.11
N GLU A 80 0.90 18.42 -21.88
CA GLU A 80 1.27 17.62 -20.73
C GLU A 80 0.50 16.30 -20.77
N ILE A 81 -0.78 16.39 -21.11
CA ILE A 81 -1.60 15.18 -21.20
C ILE A 81 -1.01 14.18 -22.20
N LYS A 82 -0.54 14.70 -23.32
CA LYS A 82 0.00 13.84 -24.37
C LYS A 82 1.35 13.27 -23.99
N ILE A 83 2.28 14.13 -23.58
CA ILE A 83 3.66 13.72 -23.36
C ILE A 83 3.81 12.86 -22.10
N ALA A 84 3.02 13.17 -21.08
CA ALA A 84 3.10 12.44 -19.82
C ALA A 84 1.96 11.44 -19.61
N ASN A 85 1.13 11.25 -20.63
CA ASN A 85 -0.03 10.35 -20.55
C ASN A 85 -0.85 10.53 -19.28
N VAL A 86 -1.24 11.77 -19.02
CA VAL A 86 -2.05 12.07 -17.85
C VAL A 86 -3.50 11.68 -18.12
N PRO A 87 -4.12 10.92 -17.19
CA PRO A 87 -5.55 10.65 -17.34
C PRO A 87 -6.37 11.94 -17.42
N LEU A 88 -7.42 11.91 -18.23
CA LEU A 88 -8.27 13.09 -18.44
C LEU A 88 -9.13 13.41 -17.23
N SER A 89 -9.16 12.47 -16.28
CA SER A 89 -9.97 12.61 -15.08
C SER A 89 -9.64 13.88 -14.29
N PHE A 90 -8.35 14.20 -14.13
CA PHE A 90 -7.95 15.36 -13.34
C PHE A 90 -8.59 16.65 -13.84
N ASN A 91 -8.55 16.85 -15.15
CA ASN A 91 -9.07 18.09 -15.72
C ASN A 91 -10.59 18.18 -15.59
N GLU A 92 -11.26 17.04 -15.67
CA GLU A 92 -12.71 16.97 -15.47
C GLU A 92 -13.07 17.32 -14.02
N TYR A 93 -12.31 16.76 -13.07
CA TYR A 93 -12.48 17.13 -11.68
C TYR A 93 -12.35 18.65 -11.52
N LEU A 94 -11.29 19.23 -12.07
CA LEU A 94 -11.03 20.65 -11.87
C LEU A 94 -12.12 21.52 -12.48
N LYS A 95 -12.72 21.06 -13.58
CA LYS A 95 -13.81 21.82 -14.20
C LYS A 95 -15.02 21.85 -13.27
N LYS A 96 -15.20 20.78 -12.49
CA LYS A 96 -16.31 20.69 -11.56
C LYS A 96 -16.02 21.33 -10.20
N HIS A 97 -14.77 21.74 -9.99
CA HIS A 97 -14.35 22.38 -8.75
C HIS A 97 -13.54 23.61 -9.10
N PRO A 98 -14.19 24.62 -9.68
CA PRO A 98 -13.48 25.79 -10.20
C PRO A 98 -12.71 26.56 -9.11
N GLU A 99 -11.50 26.99 -9.45
CA GLU A 99 -10.63 27.71 -8.54
C GLU A 99 -10.34 27.06 -7.16
N VAL A 100 -10.49 25.73 -7.02
CA VAL A 100 -10.00 25.10 -5.80
C VAL A 100 -8.50 25.38 -5.70
N ASN A 101 -8.00 25.61 -4.49
CA ASN A 101 -6.59 25.89 -4.28
C ASN A 101 -6.03 25.04 -3.13
N TRP A 102 -4.70 24.99 -3.01
CA TRP A 102 -4.10 24.06 -2.05
C TRP A 102 -4.58 24.29 -0.64
N GLY A 103 -4.98 25.53 -0.36
CA GLY A 103 -5.44 25.91 0.94
C GLY A 103 -6.84 25.44 1.27
N ALA A 104 -7.63 25.07 0.27
CA ALA A 104 -9.01 24.61 0.53
C ALA A 104 -9.47 23.69 -0.59
N VAL A 105 -9.06 22.43 -0.52
CA VAL A 105 -9.34 21.47 -1.58
C VAL A 105 -9.50 20.10 -0.93
N GLU A 106 -10.22 19.20 -1.58
CA GLU A 106 -10.30 17.83 -1.04
C GLU A 106 -8.90 17.24 -0.91
N TRP A 107 -8.67 16.61 0.24
CA TRP A 107 -7.37 16.04 0.55
C TRP A 107 -7.01 14.92 -0.42
N LEU A 108 -7.96 14.03 -0.70
CA LEU A 108 -7.72 12.93 -1.62
C LEU A 108 -7.32 13.40 -3.02
N PHE A 109 -8.15 14.23 -3.66
CA PHE A 109 -7.80 14.70 -5.00
C PHE A 109 -6.43 15.38 -5.01
N SER A 110 -6.22 16.29 -4.06
CA SER A 110 -5.02 17.10 -4.10
C SER A 110 -3.76 16.27 -3.88
N GLU A 111 -3.84 15.26 -3.02
CA GLU A 111 -2.67 14.42 -2.79
C GLU A 111 -2.31 13.64 -4.06
N VAL A 112 -3.31 13.12 -4.75
CA VAL A 112 -3.05 12.36 -5.97
C VAL A 112 -2.52 13.31 -7.04
N TYR A 113 -3.13 14.48 -7.12
CA TYR A 113 -2.71 15.51 -8.09
C TYR A 113 -1.26 15.93 -7.85
N LEU A 114 -0.85 15.98 -6.59
CA LEU A 114 0.52 16.35 -6.25
C LEU A 114 1.52 15.43 -6.96
N TYR A 115 1.32 14.13 -6.82
CA TYR A 115 2.25 13.21 -7.45
C TYR A 115 2.16 13.23 -8.97
N ARG A 116 0.98 13.56 -9.49
CA ARG A 116 0.85 13.67 -10.94
C ARG A 116 1.67 14.86 -11.46
N ARG A 117 1.60 16.00 -10.78
CA ARG A 117 2.38 17.18 -11.18
C ARG A 117 3.88 16.86 -11.13
N VAL A 118 4.30 16.17 -10.08
CA VAL A 118 5.70 15.78 -10.00
C VAL A 118 6.07 14.91 -11.21
N ASN A 119 5.22 13.93 -11.54
CA ASN A 119 5.56 12.98 -12.61
C ASN A 119 5.61 13.64 -13.98
N VAL A 120 4.74 14.62 -14.20
CA VAL A 120 4.76 15.32 -15.47
C VAL A 120 6.13 15.95 -15.69
N LEU A 121 6.73 16.51 -14.64
CA LEU A 121 8.07 17.10 -14.79
C LEU A 121 9.08 16.06 -15.26
N PHE A 122 9.05 14.86 -14.68
CA PHE A 122 9.98 13.83 -15.13
C PHE A 122 9.71 13.34 -16.54
N GLN A 123 8.43 13.12 -16.87
CA GLN A 123 8.07 12.56 -18.18
C GLN A 123 8.40 13.50 -19.36
N ARG A 124 8.43 14.80 -19.08
CA ARG A 124 8.80 15.79 -20.10
C ARG A 124 10.28 15.73 -20.48
N GLN A 125 11.10 15.24 -19.56
CA GLN A 125 12.55 15.26 -19.73
C GLN A 125 13.01 13.90 -20.19
N CYS A 126 13.44 13.78 -21.45
CA CYS A 126 13.71 12.45 -22.02
C CYS A 126 14.71 11.60 -21.24
N GLU A 127 15.71 12.24 -20.62
CA GLU A 127 16.76 11.52 -19.90
C GLU A 127 16.32 11.08 -18.49
N TRP A 128 15.13 11.51 -18.09
CA TRP A 128 14.60 11.28 -16.75
C TRP A 128 13.21 10.64 -16.76
N ALA A 129 12.68 10.31 -17.94
CA ALA A 129 11.26 9.98 -18.07
C ALA A 129 10.86 8.75 -17.26
N LYS A 130 11.80 7.85 -17.04
CA LYS A 130 11.54 6.61 -16.30
C LYS A 130 12.23 6.59 -14.94
N PHE A 131 12.81 7.73 -14.55
CA PHE A 131 13.48 7.84 -13.27
C PHE A 131 12.45 7.91 -12.14
N ASP A 132 12.71 7.17 -11.07
CA ASP A 132 11.87 7.19 -9.88
C ASP A 132 12.55 7.99 -8.78
N ILE A 133 12.07 9.21 -8.56
CA ILE A 133 12.69 10.12 -7.59
C ILE A 133 12.58 9.61 -6.14
N PHE A 134 11.79 8.57 -5.95
CA PHE A 134 11.59 7.98 -4.63
C PHE A 134 12.40 6.69 -4.45
N ASN A 135 13.06 6.24 -5.51
CA ASN A 135 13.79 4.97 -5.44
C ASN A 135 14.90 4.95 -4.39
N ARG A 136 15.65 6.05 -4.28
CA ARG A 136 16.73 6.09 -3.28
C ARG A 136 16.17 5.81 -1.87
N LEU A 137 15.05 6.45 -1.55
CA LEU A 137 14.40 6.28 -0.26
C LEU A 137 13.83 4.87 -0.11
N LYS A 138 13.14 4.39 -1.13
CA LYS A 138 12.60 3.02 -1.13
C LYS A 138 13.70 2.02 -0.79
N GLN A 139 14.81 2.13 -1.50
CA GLN A 139 15.94 1.22 -1.30
C GLN A 139 16.59 1.37 0.06
N SER A 140 16.78 2.59 0.52
CA SER A 140 17.44 2.80 1.81
CA SER A 140 17.44 2.80 1.81
C SER A 140 16.58 2.24 2.94
N THR A 141 15.28 2.39 2.83
CA THR A 141 14.40 1.89 3.86
C THR A 141 14.39 0.36 3.89
N PHE A 142 14.34 -0.26 2.72
CA PHE A 142 14.36 -1.73 2.64
C PHE A 142 15.70 -2.29 3.13
N GLU A 143 16.79 -1.63 2.75
CA GLU A 143 18.12 -2.02 3.21
C GLU A 143 18.17 -2.14 4.74
N SER A 144 17.47 -1.25 5.41
CA SER A 144 17.54 -1.18 6.87
C SER A 144 16.69 -2.26 7.54
N SER A 145 15.97 -3.05 6.74
CA SER A 145 15.11 -4.11 7.27
CA SER A 145 15.11 -4.11 7.29
C SER A 145 15.75 -5.49 7.20
N PHE A 146 17.06 -5.52 7.00
CA PHE A 146 17.85 -6.73 6.85
C PHE A 146 17.48 -7.85 7.82
N TYR A 147 17.44 -7.53 9.11
CA TYR A 147 17.21 -8.55 10.13
C TYR A 147 15.84 -9.22 9.92
N GLY A 148 14.81 -8.40 9.75
CA GLY A 148 13.46 -8.93 9.54
C GLY A 148 13.35 -9.68 8.23
N VAL A 149 14.05 -9.22 7.20
CA VAL A 149 14.00 -9.87 5.91
C VAL A 149 14.56 -11.27 6.03
N VAL A 150 15.70 -11.38 6.70
CA VAL A 150 16.32 -12.68 6.90
C VAL A 150 15.42 -13.61 7.73
N GLU A 151 14.88 -13.09 8.82
CA GLU A 151 14.01 -13.92 9.68
C GLU A 151 12.84 -14.51 8.90
N LEU A 152 12.23 -13.72 8.02
CA LEU A 152 11.11 -14.25 7.25
C LEU A 152 11.57 -15.26 6.21
N ALA A 153 12.75 -15.04 5.63
CA ALA A 153 13.28 -15.96 4.64
C ALA A 153 13.56 -17.30 5.31
N LEU A 154 14.17 -17.23 6.49
CA LEU A 154 14.41 -18.43 7.28
C LEU A 154 13.09 -19.13 7.59
N ARG A 155 12.08 -18.34 7.95
CA ARG A 155 10.76 -18.93 8.24
C ARG A 155 10.19 -19.64 7.02
N TYR A 156 10.25 -19.02 5.85
CA TYR A 156 9.69 -19.64 4.66
C TYR A 156 10.37 -20.98 4.39
N GLU A 157 11.68 -20.97 4.42
CA GLU A 157 12.43 -22.18 4.14
C GLU A 157 12.09 -23.28 5.16
N ASN A 158 12.01 -22.90 6.43
CA ASN A 158 11.63 -23.86 7.47
C ASN A 158 10.24 -24.47 7.28
N LEU A 159 9.28 -23.62 6.93
CA LEU A 159 7.88 -24.03 6.85
C LEU A 159 7.57 -24.81 5.59
N LEU A 160 8.39 -24.62 4.55
CA LEU A 160 8.07 -25.16 3.23
C LEU A 160 7.61 -26.63 3.25
N PRO A 161 8.40 -27.53 3.86
CA PRO A 161 7.98 -28.93 3.86
C PRO A 161 6.64 -29.15 4.55
N GLN A 162 6.37 -28.38 5.60
CA GLN A 162 5.12 -28.52 6.35
C GLN A 162 3.94 -27.94 5.59
N LEU A 163 4.16 -26.82 4.89
CA LEU A 163 3.11 -26.26 4.06
C LEU A 163 2.69 -27.25 2.97
N ARG A 164 3.66 -27.93 2.37
CA ARG A 164 3.35 -28.97 1.39
C ARG A 164 2.44 -30.04 1.99
N GLU A 165 2.80 -30.52 3.18
CA GLU A 165 1.98 -31.51 3.86
C GLU A 165 0.57 -30.99 4.07
N LYS A 167 -0.99 -28.74 2.33
CA LYS A 167 -1.69 -28.68 1.05
C LYS A 167 -2.23 -30.07 0.69
N GLN A 168 -1.53 -31.11 1.12
CA GLN A 168 -1.95 -32.49 0.83
C GLN A 168 -3.16 -32.92 1.65
N ASN A 169 -3.40 -32.25 2.76
CA ASN A 169 -4.59 -32.54 3.56
C ASN A 169 -5.87 -32.39 2.75
N ASP A 175 -7.54 -27.07 9.11
CA ASP A 175 -6.46 -27.41 10.02
C ASP A 175 -6.05 -26.23 10.92
N ASP A 176 -5.95 -26.51 12.21
CA ASP A 176 -5.84 -25.47 13.24
C ASP A 176 -4.47 -24.81 13.34
N ILE A 177 -3.41 -25.50 12.93
CA ILE A 177 -2.09 -24.91 12.90
C ILE A 177 -1.97 -23.98 11.69
N LEU A 178 -2.62 -24.37 10.59
CA LEU A 178 -2.68 -23.55 9.40
C LEU A 178 -3.33 -22.20 9.72
N LYS A 179 -4.36 -22.24 10.57
CA LYS A 179 -5.03 -21.00 10.97
C LYS A 179 -4.10 -20.04 11.69
N VAL A 180 -3.22 -20.57 12.54
CA VAL A 180 -2.26 -19.74 13.24
C VAL A 180 -1.31 -19.07 12.25
N LEU A 181 -0.86 -19.83 11.26
CA LEU A 181 0.05 -19.28 10.26
C LEU A 181 -0.66 -18.22 9.43
N PHE A 182 -1.92 -18.47 9.11
CA PHE A 182 -2.73 -17.49 8.38
C PHE A 182 -2.74 -16.17 9.13
N LYS A 183 -3.00 -16.22 10.43
CA LYS A 183 -3.00 -14.99 11.22
C LYS A 183 -1.66 -14.26 11.18
N GLU A 184 -0.58 -15.03 11.33
CA GLU A 184 0.77 -14.45 11.31
C GLU A 184 1.01 -13.73 9.99
N PHE A 185 0.79 -14.41 8.88
CA PHE A 185 1.13 -13.79 7.59
C PHE A 185 0.21 -12.62 7.24
N ILE A 186 -1.05 -12.72 7.62
CA ILE A 186 -1.96 -11.59 7.45
C ILE A 186 -1.47 -10.40 8.26
N GLU A 187 -1.08 -10.64 9.52
CA GLU A 187 -0.67 -9.55 10.41
C GLU A 187 0.69 -8.95 10.02
N ILE A 188 1.57 -9.78 9.50
CA ILE A 188 2.87 -9.26 9.05
C ILE A 188 2.68 -8.41 7.79
N SER A 189 1.78 -8.85 6.92
CA SER A 189 1.45 -8.07 5.73
C SER A 189 0.84 -6.74 6.18
N LEU A 190 -0.05 -6.79 7.16
CA LEU A 190 -0.72 -5.59 7.66
C LEU A 190 0.27 -4.56 8.20
N TRP A 191 1.11 -4.98 9.14
CA TRP A 191 1.98 -4.03 9.82
C TRP A 191 3.18 -3.63 8.96
N GLY A 192 3.56 -4.49 8.01
CA GLY A 192 4.70 -4.19 7.15
C GLY A 192 5.97 -3.93 7.95
N ASN A 193 6.69 -2.86 7.64
CA ASN A 193 7.93 -2.62 8.38
C ASN A 193 7.72 -2.08 9.81
N ALA A 194 6.47 -1.98 10.24
CA ALA A 194 6.17 -1.70 11.64
C ALA A 194 6.01 -2.99 12.43
N THR A 195 6.21 -4.13 11.77
CA THR A 195 6.04 -5.40 12.47
C THR A 195 7.08 -5.53 13.57
N ASP A 196 6.66 -5.86 14.78
CA ASP A 196 7.63 -6.02 15.86
C ASP A 196 8.49 -7.25 15.65
N LEU A 197 9.76 -7.17 16.04
CA LEU A 197 10.65 -8.31 15.91
C LEU A 197 10.14 -9.51 16.69
N SER A 198 9.34 -9.29 17.73
CA SER A 198 8.85 -10.41 18.54
C SER A 198 8.00 -11.37 17.72
N LEU A 199 7.31 -10.85 16.71
CA LEU A 199 6.56 -11.70 15.80
C LEU A 199 7.53 -12.42 14.84
N LEU A 200 8.47 -11.68 14.25
CA LEU A 200 9.39 -12.23 13.25
C LEU A 200 10.45 -13.22 13.76
N THR A 201 10.84 -13.11 15.02
CA THR A 201 11.97 -13.92 15.49
C THR A 201 11.57 -15.37 15.70
N ASN A 202 10.26 -15.64 15.65
CA ASN A 202 9.78 -17.01 15.65
C ASN A 202 9.80 -17.55 14.22
N ALA A 203 10.86 -18.27 13.85
CA ALA A 203 11.08 -18.63 12.46
C ALA A 203 10.86 -20.11 12.18
N THR A 204 10.39 -20.84 13.18
CA THR A 204 10.00 -22.23 12.97
C THR A 204 8.56 -22.43 13.40
N LEU A 205 7.94 -23.50 12.92
CA LEU A 205 6.57 -23.82 13.32
C LEU A 205 6.48 -23.99 14.83
N GLU A 206 7.50 -24.64 15.41
CA GLU A 206 7.54 -24.87 16.85
C GLU A 206 7.59 -23.56 17.63
N ASP A 207 8.37 -22.59 17.15
CA ASP A 207 8.46 -21.31 17.83
C ASP A 207 7.18 -20.49 17.66
N ILE A 208 6.55 -20.64 16.50
CA ILE A 208 5.32 -19.91 16.23
C ILE A 208 4.18 -20.43 17.13
N LYS A 209 4.17 -21.73 17.37
CA LYS A 209 3.12 -22.34 18.20
C LYS A 209 3.36 -22.10 19.70
N SER A 210 4.58 -21.68 20.05
CA SER A 210 5.00 -21.57 21.45
C SER A 210 4.32 -20.43 22.20
N ILE A 211 4.48 -20.41 23.51
CA ILE A 211 4.00 -19.32 24.34
C ILE A 211 4.45 -17.98 23.76
N GLN A 212 5.73 -17.91 23.42
CA GLN A 212 6.33 -16.72 22.83
C GLN A 212 5.58 -16.26 21.58
N GLY A 213 5.24 -17.21 20.71
CA GLY A 213 4.51 -16.89 19.48
C GLY A 213 3.11 -16.38 19.81
N ALA A 214 2.44 -17.07 20.71
CA ALA A 214 1.09 -16.66 21.12
C ALA A 214 1.08 -15.23 21.69
N LYS A 215 2.08 -14.92 22.51
CA LYS A 215 2.17 -13.59 23.12
C LYS A 215 2.42 -12.51 22.07
N ALA A 216 3.24 -12.84 21.08
CA ALA A 216 3.54 -11.89 20.01
C ALA A 216 2.27 -11.60 19.18
N ARG A 217 1.52 -12.64 18.86
CA ARG A 217 0.28 -12.46 18.13
C ARG A 217 -0.72 -11.64 18.97
N ALA A 218 -0.79 -11.91 20.26
CA ALA A 218 -1.71 -11.17 21.12
C ALA A 218 -1.36 -9.68 21.17
N ALA A 219 -0.06 -9.38 21.24
CA ALA A 219 0.42 -7.99 21.26
C ALA A 219 0.04 -7.28 19.97
N SER A 220 0.26 -7.95 18.85
CA SER A 220 -0.14 -7.41 17.55
C SER A 220 -1.66 -7.20 17.50
N GLU A 221 -2.41 -8.23 17.84
CA GLU A 221 -3.86 -8.21 17.75
C GLU A 221 -4.52 -7.18 18.69
N SER A 222 -3.83 -6.86 19.78
CA SER A 222 -4.41 -5.92 20.76
C SER A 222 -4.53 -4.52 20.16
N LYS A 223 -3.78 -4.27 19.10
CA LYS A 223 -3.81 -2.96 18.43
C LYS A 223 -4.64 -2.96 17.15
N ILE A 224 -5.20 -4.11 16.80
CA ILE A 224 -6.08 -4.22 15.64
C ILE A 224 -7.51 -4.08 16.14
N VAL A 225 -8.06 -2.87 16.04
CA VAL A 225 -9.30 -2.55 16.77
C VAL A 225 -10.59 -3.05 16.11
N VAL A 226 -10.51 -3.32 14.81
CA VAL A 226 -11.54 -4.07 14.10
C VAL A 226 -10.78 -5.18 13.39
N ASN A 227 -11.20 -6.43 13.62
CA ASN A 227 -10.42 -7.55 13.09
C ASN A 227 -11.25 -8.67 12.47
N ASP A 228 -11.41 -8.60 11.14
CA ASP A 228 -12.18 -9.57 10.36
C ASP A 228 -11.33 -10.68 9.73
N THR A 229 -10.16 -10.93 10.30
CA THR A 229 -9.30 -11.99 9.80
C THR A 229 -10.08 -13.30 9.62
N GLU A 230 -10.92 -13.63 10.60
CA GLU A 230 -11.65 -14.90 10.58
C GLU A 230 -12.50 -15.06 9.32
N LYS A 231 -13.08 -13.96 8.85
CA LYS A 231 -13.93 -13.99 7.66
C LYS A 231 -13.14 -14.36 6.41
N ALA A 232 -11.94 -13.79 6.26
CA ALA A 232 -11.09 -14.14 5.13
C ALA A 232 -10.62 -15.59 5.22
N TRP A 233 -10.29 -16.04 6.43
CA TRP A 233 -9.96 -17.44 6.68
C TRP A 233 -11.09 -18.35 6.21
N GLU A 234 -12.31 -18.00 6.59
CA GLU A 234 -13.47 -18.78 6.17
C GLU A 234 -13.60 -18.84 4.66
N VAL A 235 -13.44 -17.71 3.98
CA VAL A 235 -13.56 -17.68 2.53
C VAL A 235 -12.55 -18.63 1.85
N LEU A 236 -11.29 -18.56 2.24
CA LEU A 236 -10.27 -19.34 1.55
C LEU A 236 -10.33 -20.82 1.92
N THR A 237 -10.59 -21.13 3.19
CA THR A 237 -10.68 -22.54 3.57
C THR A 237 -11.89 -23.20 2.90
N LYS A 238 -13.00 -22.48 2.80
CA LYS A 238 -14.19 -23.03 2.14
C LYS A 238 -13.93 -23.24 0.66
N ALA A 239 -13.24 -22.29 0.03
CA ALA A 239 -12.87 -22.44 -1.37
C ALA A 239 -11.94 -23.64 -1.55
N ARG A 240 -11.03 -23.83 -0.61
CA ARG A 240 -10.07 -24.94 -0.71
C ARG A 240 -10.77 -26.27 -0.52
N ALA A 241 -11.86 -26.26 0.24
CA ALA A 241 -12.58 -27.48 0.58
C ALA A 241 -13.65 -27.82 -0.46
N ASP A 242 -13.95 -26.87 -1.33
CA ASP A 242 -15.00 -27.03 -2.31
C ASP A 242 -14.68 -28.16 -3.29
N ALA A 243 -15.61 -29.09 -3.44
CA ALA A 243 -15.41 -30.24 -4.33
C ALA A 243 -15.34 -29.78 -5.78
N ASN A 244 -16.03 -28.68 -6.08
CA ASN A 244 -16.06 -28.12 -7.42
C ASN A 244 -15.21 -26.86 -7.51
N SER A 245 -14.79 -26.51 -8.71
CA SER A 245 -13.95 -25.33 -8.91
C SER A 245 -12.65 -25.46 -8.12
N ARG A 246 -11.54 -25.62 -8.84
CA ARG A 246 -10.25 -25.76 -8.18
C ARG A 246 -9.49 -24.43 -8.09
N GLU A 247 -9.75 -23.52 -9.02
CA GLU A 247 -9.02 -22.24 -9.07
C GLU A 247 -9.39 -21.32 -7.90
N ILE A 248 -8.38 -20.87 -7.16
CA ILE A 248 -8.60 -19.97 -6.05
C ILE A 248 -7.73 -18.73 -6.28
N ARG A 249 -8.37 -17.63 -6.66
CA ARG A 249 -7.64 -16.43 -7.05
C ARG A 249 -7.64 -15.41 -5.91
N VAL A 250 -6.46 -14.90 -5.57
CA VAL A 250 -6.33 -13.88 -4.56
C VAL A 250 -5.64 -12.68 -5.20
N ASP A 251 -6.20 -11.48 -4.98
CA ASP A 251 -5.61 -10.27 -5.56
C ASP A 251 -5.04 -9.40 -4.46
N PHE A 252 -3.96 -8.68 -4.78
CA PHE A 252 -3.36 -7.72 -3.88
C PHE A 252 -3.35 -6.34 -4.53
N VAL A 253 -4.10 -5.39 -3.95
CA VAL A 253 -4.01 -4.00 -4.35
C VAL A 253 -2.97 -3.36 -3.43
N LEU A 254 -1.78 -3.15 -3.99
CA LEU A 254 -0.56 -2.97 -3.20
C LEU A 254 -0.44 -1.58 -2.58
N ASP A 255 0.44 -1.48 -1.60
CA ASP A 255 0.80 -0.19 -1.00
C ASP A 255 2.29 0.03 -1.20
N ASN A 256 3.08 -0.13 -0.13
CA ASN A 256 4.51 0.24 -0.18
C ASN A 256 5.45 -0.83 -0.70
N SER A 257 6.57 -0.39 -1.28
CA SER A 257 7.62 -1.28 -1.74
C SER A 257 8.41 -1.81 -0.55
N GLY A 258 9.50 -2.52 -0.81
CA GLY A 258 10.36 -2.96 0.27
C GLY A 258 9.72 -3.98 1.18
N PHE A 259 9.79 -3.76 2.49
CA PHE A 259 9.39 -4.81 3.44
C PHE A 259 7.91 -5.14 3.35
N GLU A 260 7.09 -4.13 3.11
CA GLU A 260 5.66 -4.41 2.96
C GLU A 260 5.40 -5.29 1.75
N LEU A 261 5.99 -4.95 0.60
CA LEU A 261 5.83 -5.76 -0.59
C LEU A 261 6.34 -7.16 -0.32
N TYR A 262 7.46 -7.26 0.40
CA TYR A 262 8.04 -8.55 0.76
C TYR A 262 7.06 -9.38 1.60
N ALA A 263 6.43 -8.74 2.58
CA ALA A 263 5.44 -9.40 3.42
C ALA A 263 4.22 -9.83 2.61
N ASP A 264 3.84 -9.02 1.62
CA ASP A 264 2.72 -9.40 0.74
C ASP A 264 3.09 -10.62 -0.09
N LEU A 265 4.33 -10.63 -0.61
CA LEU A 265 4.84 -11.78 -1.35
C LEU A 265 4.91 -13.03 -0.46
N LEU A 267 2.96 -13.63 2.21
CA LEU A 267 1.58 -14.05 2.38
C LEU A 267 1.14 -14.83 1.15
N ALA A 268 1.39 -14.29 -0.05
CA ALA A 268 1.02 -14.99 -1.27
C ALA A 268 1.68 -16.37 -1.35
N ALA A 269 2.99 -16.42 -1.08
CA ALA A 269 3.71 -17.69 -1.16
C ALA A 269 3.13 -18.70 -0.17
N PHE A 270 2.82 -18.21 1.03
CA PHE A 270 2.17 -19.05 2.04
C PHE A 270 0.84 -19.61 1.54
N LEU A 271 -0.01 -18.76 0.97
CA LEU A 271 -1.30 -19.22 0.47
C LEU A 271 -1.11 -20.24 -0.65
N LEU A 272 -0.24 -19.96 -1.60
CA LEU A 272 0.02 -20.87 -2.72
C LEU A 272 0.52 -22.24 -2.24
N GLN A 273 1.48 -22.22 -1.32
CA GLN A 273 2.09 -23.49 -0.89
C GLN A 273 1.14 -24.31 -0.01
N SER A 274 0.23 -23.65 0.69
CA SER A 274 -0.69 -24.37 1.57
C SER A 274 -1.99 -24.77 0.89
N GLY A 275 -2.19 -24.31 -0.34
CA GLY A 275 -3.43 -24.61 -1.05
C GLY A 275 -4.57 -23.63 -0.82
N LEU A 276 -4.30 -22.57 -0.06
CA LEU A 276 -5.32 -21.56 0.20
C LEU A 276 -5.52 -20.61 -0.99
N ALA A 277 -4.58 -20.65 -1.93
CA ALA A 277 -4.69 -19.93 -3.18
C ALA A 277 -4.06 -20.75 -4.30
N THR A 278 -4.51 -20.55 -5.52
CA THR A 278 -3.83 -21.16 -6.66
C THR A 278 -3.22 -20.15 -7.61
N LYS A 279 -3.66 -18.89 -7.51
CA LYS A 279 -3.09 -17.82 -8.31
C LYS A 279 -3.20 -16.51 -7.54
N CYS A 280 -2.11 -15.74 -7.50
CA CYS A 280 -2.16 -14.43 -6.87
C CYS A 280 -1.81 -13.36 -7.87
N ILE A 281 -2.65 -12.33 -7.93
CA ILE A 281 -2.44 -11.24 -8.88
C ILE A 281 -2.19 -9.96 -8.11
N PHE A 282 -1.11 -9.27 -8.46
CA PHE A 282 -0.65 -8.08 -7.73
C PHE A 282 -0.86 -6.85 -8.60
N HIS A 283 -1.42 -5.79 -8.00
CA HIS A 283 -1.79 -4.58 -8.75
C HIS A 283 -0.97 -3.41 -8.25
N ALA A 284 -0.11 -2.88 -9.13
CA ALA A 284 0.84 -1.85 -8.74
C ALA A 284 0.51 -0.51 -9.38
N LYS A 285 1.22 0.53 -8.95
CA LYS A 285 1.05 1.87 -9.49
C LYS A 285 1.88 2.02 -10.76
N ASP A 286 1.45 2.88 -11.69
CA ASP A 286 2.16 3.03 -12.97
C ASP A 286 3.14 4.19 -13.00
N ILE A 287 3.15 5.01 -11.95
CA ILE A 287 4.12 6.10 -11.80
C ILE A 287 4.65 6.17 -10.36
N PRO A 288 5.78 6.86 -10.15
CA PRO A 288 6.23 7.06 -8.78
C PRO A 288 5.12 7.77 -8.01
N TYR A 289 4.79 7.31 -6.81
CA TYR A 289 3.49 7.69 -6.24
C TYR A 289 3.49 7.55 -4.72
N VAL A 291 5.29 8.63 -2.57
CA VAL A 291 6.67 8.30 -2.22
C VAL A 291 6.96 6.81 -2.43
N SER A 292 6.48 5.96 -1.51
CA SER A 292 6.95 4.57 -1.44
C SER A 292 6.13 3.51 -2.18
N ASP A 293 5.08 3.92 -2.88
CA ASP A 293 4.18 2.91 -3.43
C ASP A 293 4.77 2.05 -4.55
N VAL A 294 4.50 0.75 -4.46
CA VAL A 294 5.01 -0.24 -5.39
C VAL A 294 4.67 0.07 -6.84
N LEU A 296 5.74 -1.67 -10.86
CA LEU A 296 6.19 -2.97 -11.37
C LEU A 296 7.68 -3.17 -11.17
N LYS A 297 8.47 -2.17 -11.53
CA LYS A 297 9.93 -2.32 -11.40
C LYS A 297 10.39 -2.58 -9.96
N ASP A 298 9.57 -2.20 -8.98
CA ASP A 298 9.97 -2.39 -7.58
C ASP A 298 10.01 -3.86 -7.19
N PHE A 299 9.25 -4.69 -7.90
CA PHE A 299 9.29 -6.13 -7.64
C PHE A 299 10.61 -6.72 -8.14
N ASP A 300 11.00 -6.36 -9.36
CA ASP A 300 12.31 -6.75 -9.88
C ASP A 300 13.45 -6.30 -8.99
N ILE A 301 13.36 -5.07 -8.49
CA ILE A 301 14.40 -4.53 -7.62
C ILE A 301 14.45 -5.32 -6.30
N LEU A 302 13.28 -5.64 -5.76
CA LEU A 302 13.21 -6.45 -4.56
C LEU A 302 13.92 -7.79 -4.73
N VAL A 303 13.61 -8.49 -5.81
CA VAL A 303 14.22 -9.80 -6.08
C VAL A 303 15.73 -9.66 -6.24
N HIS A 304 16.17 -8.62 -6.95
CA HIS A 304 17.60 -8.38 -7.10
C HIS A 304 18.26 -8.11 -5.75
N ASP A 305 17.59 -7.32 -4.92
CA ASP A 305 18.07 -6.99 -3.57
C ASP A 305 18.30 -8.26 -2.75
N LEU A 306 17.36 -9.20 -2.81
CA LEU A 306 17.48 -10.43 -2.02
C LEU A 306 18.76 -11.19 -2.33
N ARG A 307 19.22 -11.10 -3.57
CA ARG A 307 20.42 -11.81 -4.00
C ARG A 307 21.71 -11.00 -3.85
N ASP A 308 21.58 -9.73 -3.56
CA ASP A 308 22.70 -8.80 -3.56
C ASP A 308 23.37 -8.79 -2.20
N ARG A 309 24.56 -9.41 -2.12
CA ARG A 309 25.24 -9.55 -0.84
C ARG A 309 25.94 -8.28 -0.34
N GLU A 310 25.97 -7.25 -1.17
CA GLU A 310 26.34 -5.93 -0.69
C GLU A 310 25.12 -5.29 0.00
N PHE A 311 23.95 -5.44 -0.62
CA PHE A 311 22.72 -4.84 -0.12
C PHE A 311 22.26 -5.51 1.18
N PHE A 312 22.14 -6.84 1.12
CA PHE A 312 21.80 -7.67 2.26
C PHE A 312 23.01 -8.58 2.51
N PRO A 313 23.89 -8.14 3.42
CA PRO A 313 25.18 -8.82 3.64
C PRO A 313 25.01 -10.03 4.56
N SER A 314 24.33 -11.05 4.04
CA SER A 314 24.00 -12.23 4.83
C SER A 314 25.21 -13.14 5.02
N GLY A 315 26.36 -12.66 4.59
CA GLY A 315 27.61 -13.41 4.71
C GLY A 315 27.89 -14.23 3.48
N GLU A 316 28.91 -15.09 3.58
CA GLU A 316 29.23 -15.99 2.49
C GLU A 316 27.96 -16.72 2.06
N PRO A 317 27.91 -17.15 0.79
CA PRO A 317 26.71 -17.78 0.23
C PRO A 317 26.26 -19.02 1.01
N SER A 318 27.14 -19.55 1.85
CA SER A 318 26.88 -20.79 2.57
C SER A 318 26.19 -20.59 3.92
N THR A 319 25.91 -19.36 4.32
CA THR A 319 25.22 -19.18 5.58
C THR A 319 23.76 -19.60 5.38
N LYS A 320 23.14 -20.07 6.45
CA LYS A 320 21.70 -20.35 6.44
C LYS A 320 20.97 -19.13 5.90
N GLU A 321 21.44 -17.96 6.33
CA GLU A 321 20.85 -16.68 5.95
C GLU A 321 20.92 -16.41 4.44
N SER A 322 22.08 -16.66 3.85
CA SER A 322 22.23 -16.47 2.41
C SER A 322 21.41 -17.46 1.60
N ARG A 323 21.38 -18.70 2.05
CA ARG A 323 20.65 -19.72 1.32
C ARG A 323 19.15 -19.43 1.32
N ALA A 324 18.65 -18.92 2.45
CA ALA A 324 17.22 -18.65 2.58
C ALA A 324 16.83 -17.50 1.68
N LEU A 325 17.67 -16.47 1.62
CA LEU A 325 17.38 -15.32 0.75
C LEU A 325 17.37 -15.76 -0.71
N ASP A 326 18.38 -16.53 -1.10
CA ASP A 326 18.44 -17.04 -2.47
C ASP A 326 17.21 -17.87 -2.82
N LEU A 327 16.80 -18.72 -1.88
CA LEU A 327 15.64 -19.58 -2.06
C LEU A 327 14.39 -18.77 -2.36
N PHE A 328 14.18 -17.71 -1.60
CA PHE A 328 12.94 -16.96 -1.78
C PHE A 328 12.93 -16.19 -3.10
N ALA A 329 14.06 -15.59 -3.45
CA ALA A 329 14.19 -14.91 -4.74
C ALA A 329 13.86 -15.88 -5.86
N GLY A 330 14.44 -17.09 -5.78
CA GLY A 330 14.21 -18.12 -6.76
C GLY A 330 12.75 -18.53 -6.84
N GLU A 331 12.12 -18.64 -5.68
CA GLU A 331 10.71 -18.99 -5.62
C GLU A 331 9.86 -17.95 -6.34
N GLU A 333 10.79 -15.98 -8.83
CA GLU A 333 10.98 -16.16 -10.26
C GLU A 333 10.20 -17.35 -10.79
N LYS A 334 10.22 -18.44 -10.03
CA LYS A 334 9.50 -19.64 -10.40
C LYS A 334 7.99 -19.37 -10.49
N PHE A 335 7.44 -18.70 -9.48
CA PHE A 335 6.02 -18.41 -9.44
C PHE A 335 5.61 -17.49 -10.58
N VAL A 336 6.46 -16.52 -10.91
CA VAL A 336 6.14 -15.63 -12.02
C VAL A 336 6.16 -16.39 -13.34
N SER A 337 7.09 -17.33 -13.49
CA SER A 337 7.22 -18.07 -14.75
C SER A 337 6.07 -19.05 -14.95
N SER A 338 5.57 -19.60 -13.84
CA SER A 338 4.48 -20.55 -13.93
C SER A 338 3.13 -19.85 -13.89
N GLY A 339 3.15 -18.55 -13.61
CA GLY A 339 1.92 -17.78 -13.59
C GLY A 339 1.19 -17.80 -12.26
N LYS A 340 1.75 -18.47 -11.26
CA LYS A 340 1.14 -18.49 -9.93
C LYS A 340 1.17 -17.10 -9.28
N ILE A 341 2.15 -16.28 -9.65
CA ILE A 341 2.14 -14.88 -9.27
C ILE A 341 2.17 -14.07 -10.56
N GLU A 342 1.31 -13.05 -10.65
CA GLU A 342 1.28 -12.17 -11.81
C GLU A 342 1.22 -10.73 -11.31
N PHE A 343 2.08 -9.88 -11.86
CA PHE A 343 2.05 -8.44 -11.57
C PHE A 343 1.42 -7.64 -12.70
N ARG A 344 0.60 -6.67 -12.32
CA ARG A 344 -0.04 -5.79 -13.30
C ARG A 344 0.02 -4.36 -12.79
N GLU A 345 -0.09 -3.40 -13.69
CA GLU A 345 -0.21 -2.01 -13.30
C GLU A 345 -1.42 -1.44 -14.02
N ASP A 346 -1.96 -0.35 -13.51
CA ASP A 346 -3.08 0.29 -14.20
C ASP A 346 -3.16 1.75 -13.81
N SER A 347 -3.41 2.61 -14.78
CA SER A 347 -3.52 4.04 -14.50
C SER A 347 -4.68 4.35 -13.53
N PHE A 348 -5.67 3.47 -13.48
CA PHE A 348 -6.78 3.74 -12.57
C PHE A 348 -6.30 4.00 -11.13
N TRP A 349 -5.32 3.20 -10.68
CA TRP A 349 -4.81 3.32 -9.32
C TRP A 349 -4.10 4.64 -9.06
N THR A 350 -3.74 5.36 -10.11
CA THR A 350 -3.08 6.66 -9.90
C THR A 350 -3.92 7.86 -10.35
N THR A 351 -5.21 7.63 -10.61
CA THR A 351 -6.15 8.73 -10.76
C THR A 351 -6.67 9.11 -9.38
N GLU A 352 -7.45 10.17 -9.34
CA GLU A 352 -8.05 10.65 -8.09
C GLU A 352 -9.25 9.80 -7.65
N LEU A 353 -9.68 8.87 -8.49
CA LEU A 353 -10.97 8.18 -8.29
C LEU A 353 -10.97 7.32 -7.04
N ASP A 354 -11.99 7.49 -6.20
CA ASP A 354 -12.12 6.59 -5.06
C ASP A 354 -12.68 5.24 -5.53
N TYR A 355 -12.76 4.27 -4.64
CA TYR A 355 -13.08 2.91 -5.09
C TYR A 355 -14.59 2.64 -5.18
N TRP A 356 -15.40 3.65 -4.87
CA TRP A 356 -16.81 3.60 -5.25
C TRP A 356 -16.89 3.58 -6.78
N ASN A 357 -15.77 3.94 -7.44
CA ASN A 357 -15.66 3.84 -8.89
C ASN A 357 -15.12 2.51 -9.40
N LEU A 358 -14.79 1.59 -8.50
CA LEU A 358 -14.55 0.21 -8.89
C LEU A 358 -15.92 -0.38 -9.09
N ASP A 359 -16.56 0.01 -10.18
CA ASP A 359 -17.96 -0.30 -10.40
C ASP A 359 -18.25 -0.20 -11.89
N ALA A 360 -19.25 -0.94 -12.35
CA ALA A 360 -19.57 -0.95 -13.77
C ALA A 360 -19.96 0.43 -14.29
N ASN A 361 -20.31 1.34 -13.39
CA ASN A 361 -20.74 2.68 -13.82
C ASN A 361 -19.57 3.60 -14.19
N GLU A 362 -18.35 3.20 -13.84
CA GLU A 362 -17.16 3.96 -14.19
C GLU A 362 -16.63 3.54 -15.57
N THR A 363 -17.10 4.22 -16.61
CA THR A 363 -16.88 3.75 -17.98
C THR A 363 -15.75 4.48 -18.73
N LYS A 364 -15.00 5.33 -18.04
CA LYS A 364 -14.04 6.20 -18.71
C LYS A 364 -12.57 5.94 -18.36
N TYR A 365 -12.31 5.51 -17.14
CA TYR A 365 -10.92 5.46 -16.64
C TYR A 365 -10.49 4.09 -16.12
N HIS A 366 -11.17 3.05 -16.60
CA HIS A 366 -10.86 1.63 -16.33
C HIS A 366 -11.58 1.04 -15.12
N GLY A 367 -12.32 1.85 -14.37
CA GLY A 367 -12.97 1.35 -13.18
C GLY A 367 -13.87 0.16 -13.45
N SER A 368 -14.66 0.24 -14.51
CA SER A 368 -15.58 -0.86 -14.84
CA SER A 368 -15.57 -0.85 -14.86
C SER A 368 -14.81 -2.10 -15.33
N ILE A 369 -13.74 -1.87 -16.07
CA ILE A 369 -12.90 -2.95 -16.56
C ILE A 369 -12.28 -3.73 -15.39
N LEU A 370 -11.71 -2.99 -14.43
CA LEU A 370 -11.14 -3.61 -13.24
C LEU A 370 -12.20 -4.30 -12.38
N HIS A 371 -13.35 -3.65 -12.23
CA HIS A 371 -14.43 -4.24 -11.42
C HIS A 371 -14.86 -5.59 -11.98
N LYS A 372 -15.03 -5.67 -13.29
CA LYS A 372 -15.49 -6.90 -13.91
C LYS A 372 -14.48 -8.02 -13.68
N ASP A 373 -13.20 -7.69 -13.80
CA ASP A 373 -12.15 -8.67 -13.59
C ASP A 373 -12.05 -9.08 -12.12
N LEU A 374 -12.14 -8.10 -11.22
CA LEU A 374 -12.02 -8.39 -9.79
C LEU A 374 -13.20 -9.19 -9.23
N GLN A 375 -14.35 -9.12 -9.90
CA GLN A 375 -15.47 -9.97 -9.50
C GLN A 375 -15.06 -11.42 -9.51
N LYS A 376 -14.05 -11.75 -10.32
CA LYS A 376 -13.60 -13.13 -10.48
C LYS A 376 -12.68 -13.59 -9.36
N SER A 377 -12.24 -12.66 -8.51
CA SER A 377 -11.32 -12.98 -7.42
C SER A 377 -12.10 -13.65 -6.28
N ASN A 378 -11.48 -14.61 -5.61
CA ASN A 378 -12.03 -15.10 -4.33
C ASN A 378 -11.83 -14.10 -3.19
N LEU A 379 -10.81 -13.26 -3.30
CA LEU A 379 -10.44 -12.37 -2.20
C LEU A 379 -9.52 -11.27 -2.71
N VAL A 380 -10.01 -10.04 -2.69
CA VAL A 380 -9.18 -8.89 -3.10
C VAL A 380 -8.70 -8.18 -1.84
N ILE A 381 -7.39 -8.27 -1.59
CA ILE A 381 -6.79 -7.69 -0.41
C ILE A 381 -6.28 -6.29 -0.74
N PHE A 382 -6.83 -5.29 -0.05
CA PHE A 382 -6.44 -3.88 -0.25
C PHE A 382 -5.45 -3.50 0.85
N LYS A 383 -4.22 -3.14 0.46
CA LYS A 383 -3.18 -2.85 1.44
C LYS A 383 -3.09 -1.37 1.81
N GLY A 384 -3.09 -1.10 3.11
CA GLY A 384 -2.60 0.18 3.61
C GLY A 384 -3.60 1.32 3.64
N ASP A 385 -3.11 2.49 4.03
CA ASP A 385 -3.99 3.61 4.36
C ASP A 385 -4.65 4.28 3.16
N LEU A 386 -3.88 4.58 2.13
CA LEU A 386 -4.47 5.24 0.97
C LEU A 386 -5.56 4.37 0.33
N ASN A 387 -5.31 3.07 0.23
CA ASN A 387 -6.36 2.22 -0.34
C ASN A 387 -7.63 2.26 0.52
N TYR A 388 -7.45 2.35 1.83
CA TYR A 388 -8.58 2.41 2.75
C TYR A 388 -9.33 3.74 2.60
N ARG A 389 -8.56 4.81 2.41
CA ARG A 389 -9.15 6.12 2.13
C ARG A 389 -10.00 6.04 0.86
N LYS A 390 -9.48 5.39 -0.19
CA LYS A 390 -10.27 5.25 -1.42
C LYS A 390 -11.47 4.32 -1.25
N LEU A 391 -11.36 3.27 -0.45
CA LEU A 391 -12.55 2.44 -0.20
C LEU A 391 -13.67 3.24 0.48
N THR A 392 -13.29 4.18 1.35
CA THR A 392 -14.25 4.89 2.18
C THR A 392 -14.57 6.27 1.63
N GLY A 393 -13.95 6.63 0.51
CA GLY A 393 -14.16 7.93 -0.10
C GLY A 393 -13.47 9.06 0.64
N ASP A 394 -12.70 8.72 1.67
CA ASP A 394 -11.98 9.70 2.48
C ASP A 394 -12.97 10.69 3.12
N ARG A 395 -14.14 10.18 3.49
CA ARG A 395 -15.24 11.03 3.95
C ARG A 395 -15.35 11.13 5.47
N LYS A 396 -16.06 12.17 5.91
CA LYS A 396 -16.22 12.47 7.32
C LYS A 396 -17.33 11.62 7.95
N TRP A 397 -17.27 10.31 7.69
CA TRP A 397 -18.24 9.38 8.28
C TRP A 397 -18.10 9.41 9.80
N PRO A 398 -19.22 9.28 10.54
CA PRO A 398 -19.05 9.01 11.97
C PRO A 398 -18.21 7.76 12.14
N ARG A 399 -17.39 7.70 13.19
CA ARG A 399 -16.38 6.65 13.27
C ARG A 399 -16.95 5.27 13.61
N THR A 400 -18.25 5.21 13.95
CA THR A 400 -18.95 3.96 14.14
C THR A 400 -19.69 3.48 12.89
N THR A 401 -19.55 4.22 11.79
CA THR A 401 -20.28 3.92 10.56
C THR A 401 -20.01 2.48 10.10
N LYS A 402 -21.08 1.76 9.75
CA LYS A 402 -20.93 0.37 9.30
C LYS A 402 -19.99 0.31 8.10
N TRP A 403 -19.12 -0.69 8.08
CA TRP A 403 -18.17 -0.86 6.98
C TRP A 403 -18.90 -0.90 5.64
N GLU A 404 -19.95 -1.69 5.55
CA GLU A 404 -20.67 -1.82 4.28
C GLU A 404 -21.20 -0.47 3.77
N THR A 405 -21.61 0.39 4.69
CA THR A 405 -22.10 1.72 4.31
C THR A 405 -20.96 2.60 3.78
N ALA A 406 -19.83 2.57 4.49
CA ALA A 406 -18.69 3.39 4.12
C ALA A 406 -18.12 3.07 2.73
N ILE A 407 -18.28 1.83 2.27
CA ILE A 407 -17.70 1.42 1.00
C ILE A 407 -18.65 1.45 -0.20
N GLY A 408 -19.86 1.96 0.01
CA GLY A 408 -20.75 2.24 -1.10
C GLY A 408 -21.04 1.01 -1.95
N PRO A 409 -20.87 1.14 -3.27
CA PRO A 409 -21.20 0.03 -4.18
C PRO A 409 -20.35 -1.22 -3.96
N LEU A 410 -19.19 -1.08 -3.30
CA LEU A 410 -18.37 -2.25 -3.03
C LEU A 410 -19.01 -3.20 -2.01
N ALA A 411 -20.07 -2.75 -1.36
CA ALA A 411 -20.79 -3.64 -0.47
C ALA A 411 -21.65 -4.63 -1.24
N THR A 412 -22.01 -4.29 -2.49
CA THR A 412 -23.02 -5.07 -3.20
C THR A 412 -22.70 -5.40 -4.66
N ASN A 413 -21.52 -5.04 -5.15
CA ASN A 413 -21.24 -5.22 -6.57
C ASN A 413 -20.37 -6.43 -6.94
N GLY A 414 -20.23 -7.37 -6.01
CA GLY A 414 -19.72 -8.68 -6.35
C GLY A 414 -18.23 -8.83 -6.15
N ILE A 415 -17.61 -7.89 -5.45
CA ILE A 415 -16.20 -8.06 -5.09
C ILE A 415 -16.06 -8.46 -3.63
N THR A 416 -15.31 -9.53 -3.39
CA THR A 416 -15.04 -9.98 -2.03
C THR A 416 -13.75 -9.32 -1.61
N SER A 417 -13.80 -8.49 -0.58
CA SER A 417 -12.65 -7.62 -0.24
C SER A 417 -12.18 -7.71 1.21
N LEU A 418 -10.90 -7.44 1.42
CA LEU A 418 -10.32 -7.40 2.75
C LEU A 418 -9.36 -6.23 2.78
N SER A 419 -9.67 -5.22 3.60
CA SER A 419 -8.76 -4.09 3.81
C SER A 419 -7.83 -4.37 4.99
N LEU A 420 -6.51 -4.33 4.74
CA LEU A 420 -5.51 -4.44 5.80
C LEU A 420 -4.89 -3.05 5.96
N ARG A 421 -5.38 -2.29 6.95
CA ARG A 421 -5.04 -0.86 7.05
C ARG A 421 -4.42 -0.48 8.39
N THR A 422 -3.15 -0.07 8.36
CA THR A 422 -2.58 0.61 9.51
C THR A 422 -3.20 2.01 9.47
N CYS A 423 -3.72 2.47 10.61
CA CYS A 423 -4.53 3.70 10.60
C CYS A 423 -3.63 4.93 10.57
N LYS A 424 -3.64 5.63 9.44
CA LYS A 424 -2.73 6.78 9.24
C LYS A 424 -3.44 7.98 8.61
N ALA A 425 -4.72 8.15 8.91
CA ALA A 425 -5.44 9.31 8.38
C ALA A 425 -6.73 9.53 9.18
N ASP A 426 -7.33 10.71 9.05
CA ASP A 426 -8.46 11.04 9.90
C ASP A 426 -9.64 10.11 9.69
N VAL A 427 -9.81 9.64 8.46
CA VAL A 427 -10.99 8.82 8.14
C VAL A 427 -10.92 7.52 8.93
N GLN A 428 -12.05 7.13 9.53
CA GLN A 428 -12.09 5.92 10.34
C GLN A 428 -13.54 5.51 10.50
N VAL A 429 -13.84 4.24 10.23
CA VAL A 429 -15.21 3.76 10.38
C VAL A 429 -15.23 2.38 11.05
N ALA A 430 -16.44 1.87 11.26
CA ALA A 430 -16.68 0.51 11.76
C ALA A 430 -16.23 0.25 13.19
N LEU A 431 -16.01 1.32 13.97
CA LEU A 431 -15.61 1.13 15.36
C LEU A 431 -16.78 0.77 16.27
N PRO A 432 -16.49 0.03 17.34
CA PRO A 432 -17.51 -0.23 18.36
C PRO A 432 -17.86 1.05 19.11
N GLU A 433 -19.08 1.14 19.63
CA GLU A 433 -19.47 2.30 20.42
C GLU A 433 -18.46 2.54 21.54
N GLY A 434 -18.07 3.81 21.69
CA GLY A 434 -17.23 4.21 22.80
C GLY A 434 -15.74 4.08 22.57
N LEU A 435 -15.35 3.27 21.60
CA LEU A 435 -13.92 3.03 21.39
C LEU A 435 -13.17 4.31 20.97
N ASP A 436 -13.78 5.12 20.11
CA ASP A 436 -13.12 6.37 19.67
C ASP A 436 -12.82 7.30 20.84
N ALA A 437 -13.81 7.47 21.72
CA ALA A 437 -13.63 8.30 22.90
C ALA A 437 -12.52 7.74 23.79
N LYS A 438 -12.48 6.43 23.94
CA LYS A 438 -11.49 5.80 24.79
C LYS A 438 -10.08 6.05 24.26
N LEU A 439 -9.83 5.64 23.02
CA LEU A 439 -8.52 5.84 22.41
C LEU A 439 -8.14 7.31 22.32
N SER A 440 -9.11 8.17 22.01
CA SER A 440 -8.84 9.61 21.94
C SER A 440 -8.37 10.17 23.27
N GLN A 441 -8.99 9.72 24.37
CA GLN A 441 -8.62 10.19 25.69
C GLN A 441 -7.21 9.72 26.04
N GLU A 442 -6.93 8.48 25.67
CA GLU A 442 -5.64 7.85 25.89
C GLU A 442 -4.53 8.57 25.13
N TRP A 443 -4.80 8.90 23.87
CA TRP A 443 -3.83 9.53 22.99
C TRP A 443 -3.71 11.02 23.33
N GLU A 444 -4.79 11.57 23.90
CA GLU A 444 -4.84 12.98 24.25
C GLU A 444 -3.84 13.30 25.36
N LYS A 445 -3.48 12.29 26.13
CA LYS A 445 -2.53 12.48 27.22
C LYS A 445 -1.19 13.01 26.73
N GLU A 446 -0.63 12.35 25.72
CA GLU A 446 0.68 12.76 25.17
C GLU A 446 0.55 13.56 23.89
N ASN A 447 -0.67 13.98 23.54
CA ASN A 447 -0.88 14.76 22.33
C ASN A 447 -2.01 15.78 22.48
N PRO A 448 -1.86 16.71 23.44
CA PRO A 448 -2.94 17.67 23.72
C PRO A 448 -3.50 18.31 22.45
N GLY A 449 -4.82 18.41 22.37
CA GLY A 449 -5.48 18.98 21.21
C GLY A 449 -5.49 18.10 19.97
N ARG A 450 -4.97 16.88 20.09
CA ARG A 450 -4.90 15.98 18.95
C ARG A 450 -5.29 14.54 19.29
N GLY A 451 -6.15 14.39 20.30
CA GLY A 451 -6.61 13.08 20.70
C GLY A 451 -7.21 12.28 19.57
N SER A 452 -7.96 12.94 18.69
CA SER A 452 -8.62 12.24 17.58
C SER A 452 -7.61 11.68 16.58
N TRP A 453 -6.35 12.10 16.70
CA TRP A 453 -5.30 11.67 15.80
C TRP A 453 -4.79 10.27 16.13
N TRP A 454 -5.39 9.59 17.10
CA TRP A 454 -4.92 8.24 17.40
C TRP A 454 -4.93 7.38 16.14
N CYS A 455 -5.95 7.56 15.30
CA CYS A 455 -6.06 6.74 14.09
C CYS A 455 -5.24 7.31 12.93
N CYS A 456 -4.38 8.28 13.22
CA CYS A 456 -3.49 8.85 12.22
C CYS A 456 -2.04 8.50 12.52
N SER A 457 -1.81 7.86 13.67
CA SER A 457 -0.46 7.68 14.22
C SER A 457 0.28 6.46 13.68
N GLY A 458 -0.44 5.55 13.06
CA GLY A 458 0.12 4.29 12.60
C GLY A 458 0.28 3.26 13.71
N LYS A 459 -0.20 3.60 14.91
CA LYS A 459 -0.05 2.68 16.05
C LYS A 459 -1.18 1.67 16.17
N TRP A 460 -2.33 2.01 15.60
CA TRP A 460 -3.48 1.09 15.57
C TRP A 460 -3.78 0.67 14.14
N ALA A 461 -4.58 -0.39 13.98
CA ALA A 461 -4.90 -0.90 12.66
C ALA A 461 -6.29 -1.52 12.60
N VAL A 462 -6.79 -1.71 11.39
CA VAL A 462 -8.05 -2.44 11.22
C VAL A 462 -7.92 -3.46 10.12
N ILE A 463 -8.69 -4.54 10.24
CA ILE A 463 -8.79 -5.54 9.21
C ILE A 463 -10.27 -5.72 8.92
N CYS A 464 -10.71 -5.22 7.76
CA CYS A 464 -12.15 -5.18 7.46
C CYS A 464 -12.54 -5.95 6.21
N PHE A 465 -13.54 -6.82 6.36
CA PHE A 465 -13.98 -7.72 5.31
C PHE A 465 -15.36 -7.36 4.78
N CYS A 466 -15.55 -7.57 3.49
CA CYS A 466 -16.89 -7.51 2.91
C CYS A 466 -17.07 -8.57 1.82
N SER A 467 -18.20 -9.27 1.86
CA SER A 467 -18.47 -10.30 0.87
C SER A 467 -18.77 -9.75 -0.52
N GLY A 468 -19.26 -8.52 -0.59
CA GLY A 468 -19.62 -7.92 -1.87
C GLY A 468 -21.02 -8.31 -2.33
N ILE A 469 -21.73 -9.02 -1.46
CA ILE A 469 -23.12 -9.44 -1.73
C ILE A 469 -24.06 -8.61 -0.88
#